data_9BOT
#
_entry.id   9BOT
#
_cell.length_a   32.024
_cell.length_b   77.700
_cell.length_c   93.623
_cell.angle_alpha   90.00
_cell.angle_beta   90.00
_cell.angle_gamma   90.00
#
_symmetry.space_group_name_H-M   'P 21 21 21'
#
loop_
_entity.id
_entity.type
_entity.pdbx_description
1 polymer Trypsin-3
2 non-polymer 'SULFATE ION'
3 non-polymer 'CALCIUM ION'
4 non-polymer 'ACETATE ION'
5 non-polymer GLYCEROL
6 water water
#
_entity_poly.entity_id   1
_entity_poly.type   'polypeptide(L)'
_entity_poly.pdbx_seq_one_letter_code
;IVGGYTCEENSLPYQVSLNSGSHFCGGSLISEQWVVSAAHCYKTRIQVRLGEHNIKVLEGNEQFINAAKIIRHPKYNRDT
LDNDIMLIKLSSPAVINARVSTISLPTTPPAAGTECLISGWGNTLSFGADYPDELKCLDAPVLTQAECKASYPGKITNSM
FCVGFLEGGKDSCQRDAGGPVVCNGQLQGVVSWGHGCAWKNRPGVYTKVYNYVDWIKDTIAANS
;
_entity_poly.pdbx_strand_id   A
#
loop_
_chem_comp.id
_chem_comp.type
_chem_comp.name
_chem_comp.formula
ACT non-polymer 'ACETATE ION' 'C2 H3 O2 -1'
CA non-polymer 'CALCIUM ION' 'Ca 2'
GOL non-polymer GLYCEROL 'C3 H8 O3'
SO4 non-polymer 'SULFATE ION' 'O4 S -2'
#
# COMPACT_ATOMS: atom_id res chain seq x y z
N ILE A 1 -4.31 9.12 4.71
CA ILE A 1 -3.24 10.04 4.36
C ILE A 1 -3.50 11.40 5.00
N VAL A 2 -2.56 11.85 5.83
CA VAL A 2 -2.62 13.13 6.47
C VAL A 2 -1.72 14.11 5.74
N GLY A 3 -2.22 15.30 5.45
CA GLY A 3 -1.42 16.37 4.88
C GLY A 3 -1.16 16.23 3.41
N GLY A 4 -1.95 15.42 2.74
CA GLY A 4 -1.87 15.18 1.34
C GLY A 4 -2.88 15.99 0.57
N TYR A 5 -3.20 15.49 -0.63
CA TYR A 5 -4.14 16.13 -1.53
C TYR A 5 -5.01 15.07 -2.23
N THR A 6 -6.19 15.47 -2.74
CA THR A 6 -7.02 14.52 -3.47
C THR A 6 -6.35 14.21 -4.83
N CYS A 7 -6.15 12.94 -5.13
CA CYS A 7 -5.54 12.59 -6.38
C CYS A 7 -6.43 12.99 -7.54
N GLU A 8 -5.81 13.22 -8.69
CA GLU A 8 -6.62 13.40 -9.90
C GLU A 8 -7.38 12.07 -10.12
N GLU A 9 -8.64 12.16 -10.50
CA GLU A 9 -9.47 10.96 -10.63
C GLU A 9 -8.87 9.91 -11.59
N ASN A 10 -8.69 8.70 -11.06
CA ASN A 10 -8.15 7.54 -11.79
C ASN A 10 -6.74 7.77 -12.33
N SER A 11 -5.98 8.72 -11.75
CA SER A 11 -4.59 8.95 -12.14
C SER A 11 -3.60 7.94 -11.52
N LEU A 12 -4.07 7.12 -10.55
CA LEU A 12 -3.30 6.06 -9.91
C LEU A 12 -4.05 4.76 -10.22
N PRO A 13 -4.01 4.30 -11.48
CA PRO A 13 -4.90 3.20 -11.90
C PRO A 13 -4.52 1.85 -11.33
N TYR A 14 -3.38 1.76 -10.66
CA TYR A 14 -2.93 0.55 -9.98
C TYR A 14 -3.44 0.46 -8.55
N GLN A 15 -3.99 1.55 -8.02
CA GLN A 15 -4.46 1.55 -6.64
C GLN A 15 -5.80 0.79 -6.56
N VAL A 16 -5.88 -0.19 -5.65
CA VAL A 16 -7.13 -0.90 -5.36
C VAL A 16 -7.53 -0.67 -3.92
N SER A 17 -8.81 -0.88 -3.67
CA SER A 17 -9.41 -0.88 -2.35
C SER A 17 -9.74 -2.33 -2.00
N LEU A 18 -9.36 -2.80 -0.80
CA LEU A 18 -9.75 -4.13 -0.32
C LEU A 18 -11.00 -3.97 0.51
N ASN A 19 -12.04 -4.76 0.19
CA ASN A 19 -13.36 -4.61 0.80
C ASN A 19 -13.89 -5.92 1.36
N SER A 20 -14.43 -5.83 2.59
CA SER A 20 -15.02 -7.01 3.27
C SER A 20 -16.40 -6.69 3.81
N GLY A 21 -17.10 -5.79 3.12
CA GLY A 21 -18.29 -5.12 3.59
C GLY A 21 -18.07 -3.66 3.35
N SER A 22 -16.92 -3.18 3.81
N SER A 22 -16.89 -3.20 3.76
CA SER A 22 -16.48 -1.81 3.64
CA SER A 22 -16.47 -1.84 3.55
C SER A 22 -14.98 -1.82 3.31
C SER A 22 -14.98 -1.83 3.24
N HIS A 23 -14.48 -0.67 2.88
CA HIS A 23 -13.05 -0.50 2.61
C HIS A 23 -12.28 -0.74 3.90
N PHE A 24 -11.22 -1.51 3.87
CA PHE A 24 -10.39 -1.64 5.08
C PHE A 24 -8.88 -1.56 4.81
N CYS A 25 -8.42 -1.71 3.57
CA CYS A 25 -6.99 -1.67 3.28
C CYS A 25 -6.83 -1.32 1.79
N GLY A 26 -5.62 -0.90 1.43
CA GLY A 26 -5.24 -0.67 0.04
C GLY A 26 -4.51 -1.86 -0.51
N GLY A 27 -4.17 -1.74 -1.80
CA GLY A 27 -3.35 -2.72 -2.49
C GLY A 27 -2.93 -2.13 -3.81
N SER A 28 -2.11 -2.90 -4.54
CA SER A 28 -1.58 -2.48 -5.82
C SER A 28 -1.68 -3.57 -6.87
N LEU A 29 -2.21 -3.23 -8.06
CA LEU A 29 -2.31 -4.19 -9.16
C LEU A 29 -0.95 -4.31 -9.85
N ILE A 30 -0.36 -5.51 -9.83
CA ILE A 30 0.95 -5.74 -10.43
C ILE A 30 0.88 -6.59 -11.68
N SER A 31 -0.26 -7.24 -11.93
CA SER A 31 -0.43 -7.95 -13.17
C SER A 31 -1.95 -8.07 -13.36
N GLU A 32 -2.37 -8.61 -14.54
CA GLU A 32 -3.82 -8.70 -14.74
C GLU A 32 -4.54 -9.48 -13.64
N GLN A 33 -3.85 -10.42 -13.00
CA GLN A 33 -4.51 -11.24 -12.04
C GLN A 33 -3.98 -11.17 -10.62
N TRP A 34 -3.00 -10.29 -10.36
CA TRP A 34 -2.42 -10.27 -9.05
C TRP A 34 -2.28 -8.89 -8.45
N VAL A 35 -2.55 -8.84 -7.14
CA VAL A 35 -2.48 -7.63 -6.34
C VAL A 35 -1.54 -7.86 -5.18
N VAL A 36 -0.73 -6.88 -4.90
N VAL A 36 -0.72 -6.86 -4.86
CA VAL A 36 0.17 -6.86 -3.75
CA VAL A 36 0.20 -6.93 -3.72
C VAL A 36 -0.46 -6.01 -2.65
C VAL A 36 -0.33 -5.99 -2.64
N SER A 37 -0.39 -6.51 -1.42
CA SER A 37 -0.90 -5.76 -0.25
C SER A 37 -0.05 -6.12 0.98
N ALA A 38 -0.54 -5.76 2.18
CA ALA A 38 0.14 -6.07 3.43
C ALA A 38 -0.44 -7.36 4.02
N ALA A 39 0.43 -8.22 4.54
CA ALA A 39 -0.05 -9.44 5.22
C ALA A 39 -0.95 -9.14 6.42
N HIS A 40 -0.73 -8.02 7.13
CA HIS A 40 -1.61 -7.75 8.25
C HIS A 40 -3.01 -7.38 7.78
N CYS A 41 -3.20 -7.14 6.48
CA CYS A 41 -4.53 -6.92 5.91
C CYS A 41 -5.28 -8.20 5.56
N TYR A 42 -4.71 -9.37 5.84
CA TYR A 42 -5.34 -10.63 5.51
C TYR A 42 -6.73 -10.74 6.12
N LYS A 43 -7.69 -11.24 5.33
CA LYS A 43 -8.99 -11.75 5.74
C LYS A 43 -9.24 -12.96 4.88
N THR A 44 -10.08 -13.90 5.34
N THR A 44 -10.09 -13.85 5.38
CA THR A 44 -10.31 -15.11 4.57
CA THR A 44 -10.41 -15.08 4.65
C THR A 44 -11.15 -14.89 3.32
C THR A 44 -11.00 -14.78 3.29
N ARG A 45 -11.88 -13.77 3.23
CA ARG A 45 -12.58 -13.40 2.00
C ARG A 45 -12.35 -11.92 1.77
N ILE A 46 -11.97 -11.54 0.53
CA ILE A 46 -11.71 -10.16 0.17
C ILE A 46 -12.27 -9.88 -1.20
N GLN A 47 -12.98 -8.78 -1.34
CA GLN A 47 -13.35 -8.27 -2.65
C GLN A 47 -12.39 -7.15 -3.02
N VAL A 48 -11.75 -7.25 -4.19
CA VAL A 48 -10.85 -6.21 -4.67
C VAL A 48 -11.66 -5.26 -5.54
N ARG A 49 -11.58 -3.99 -5.25
CA ARG A 49 -12.28 -2.95 -6.00
C ARG A 49 -11.24 -2.10 -6.71
N LEU A 50 -11.25 -2.20 -8.03
CA LEU A 50 -10.33 -1.53 -8.92
C LEU A 50 -11.05 -0.40 -9.65
N GLY A 51 -10.27 0.56 -10.12
CA GLY A 51 -10.83 1.66 -10.89
C GLY A 51 -11.62 2.66 -10.07
N GLU A 52 -11.42 2.66 -8.78
CA GLU A 52 -12.15 3.55 -7.90
C GLU A 52 -11.50 4.91 -7.76
N HIS A 53 -12.34 5.92 -7.56
CA HIS A 53 -11.92 7.24 -7.11
C HIS A 53 -12.72 7.50 -5.83
N ASN A 54 -14.03 7.67 -5.93
CA ASN A 54 -14.92 7.75 -4.79
C ASN A 54 -15.39 6.34 -4.44
N ILE A 55 -14.97 5.82 -3.26
CA ILE A 55 -15.32 4.46 -2.87
C ILE A 55 -16.76 4.31 -2.40
N LYS A 56 -17.47 5.41 -2.20
CA LYS A 56 -18.87 5.45 -1.79
C LYS A 56 -19.82 5.55 -2.95
N VAL A 57 -19.33 5.87 -4.15
CA VAL A 57 -20.21 6.12 -5.28
C VAL A 57 -19.77 5.31 -6.47
N LEU A 58 -20.71 4.61 -7.09
CA LEU A 58 -20.42 3.87 -8.30
C LEU A 58 -20.40 4.96 -9.37
N GLU A 59 -19.24 5.16 -9.92
CA GLU A 59 -18.98 6.22 -10.83
C GLU A 59 -18.97 5.73 -12.26
N GLY A 60 -18.73 4.43 -12.46
CA GLY A 60 -18.80 3.79 -13.75
C GLY A 60 -17.51 3.16 -14.24
N ASN A 61 -16.41 3.32 -13.55
CA ASN A 61 -15.15 2.73 -14.02
C ASN A 61 -14.64 1.66 -13.09
N GLU A 62 -15.45 1.27 -12.15
CA GLU A 62 -15.02 0.29 -11.18
C GLU A 62 -15.06 -1.12 -11.75
N GLN A 63 -14.18 -1.94 -11.21
CA GLN A 63 -14.23 -3.40 -11.42
C GLN A 63 -14.17 -4.02 -10.04
N PHE A 64 -15.17 -4.83 -9.73
CA PHE A 64 -15.23 -5.54 -8.47
C PHE A 64 -14.95 -7.01 -8.73
N ILE A 65 -13.87 -7.52 -8.13
CA ILE A 65 -13.44 -8.88 -8.37
C ILE A 65 -13.05 -9.53 -7.06
N ASN A 66 -13.61 -10.71 -6.82
CA ASN A 66 -13.29 -11.39 -5.59
C ASN A 66 -11.89 -12.00 -5.62
N ALA A 67 -11.28 -12.07 -4.47
CA ALA A 67 -9.99 -12.72 -4.34
C ALA A 67 -10.22 -14.22 -4.43
N ALA A 68 -9.48 -14.87 -5.29
CA ALA A 68 -9.51 -16.32 -5.36
C ALA A 68 -8.48 -16.97 -4.47
N LYS A 69 -7.31 -16.32 -4.30
CA LYS A 69 -6.23 -16.82 -3.44
C LYS A 69 -5.69 -15.63 -2.65
N ILE A 70 -5.39 -15.83 -1.39
CA ILE A 70 -4.91 -14.78 -0.49
C ILE A 70 -3.73 -15.36 0.28
N ILE A 71 -2.51 -15.00 -0.12
CA ILE A 71 -1.27 -15.65 0.30
C ILE A 71 -0.33 -14.70 1.04
N ARG A 72 -0.22 -14.84 2.36
CA ARG A 72 0.71 -14.05 3.16
C ARG A 72 2.11 -14.56 2.97
N HIS A 73 3.11 -13.68 3.10
CA HIS A 73 4.47 -14.15 3.09
C HIS A 73 4.65 -15.20 4.18
N PRO A 74 5.32 -16.30 3.91
CA PRO A 74 5.39 -17.32 4.94
C PRO A 74 6.20 -16.94 6.15
N LYS A 75 7.03 -15.90 6.10
CA LYS A 75 7.78 -15.46 7.26
C LYS A 75 7.16 -14.22 7.89
N TYR A 76 5.94 -13.89 7.51
CA TYR A 76 5.23 -12.79 8.17
C TYR A 76 5.11 -13.00 9.68
N ASN A 77 5.48 -11.97 10.45
CA ASN A 77 5.37 -11.96 11.94
C ASN A 77 4.35 -10.88 12.29
N ARG A 78 3.18 -11.28 12.82
CA ARG A 78 2.10 -10.36 13.14
C ARG A 78 2.53 -9.36 14.21
N ASP A 79 3.47 -9.72 15.10
CA ASP A 79 3.86 -8.83 16.19
C ASP A 79 4.84 -7.75 15.81
N THR A 80 5.83 -8.10 15.00
CA THR A 80 6.86 -7.18 14.63
C THR A 80 6.61 -6.61 13.27
N LEU A 81 5.66 -7.18 12.53
CA LEU A 81 5.33 -6.83 11.15
C LEU A 81 6.51 -7.10 10.22
N ASP A 82 7.43 -7.94 10.64
CA ASP A 82 8.45 -8.39 9.72
C ASP A 82 7.76 -9.09 8.53
N ASN A 83 8.29 -8.86 7.34
CA ASN A 83 7.80 -9.51 6.11
C ASN A 83 6.30 -9.24 5.90
N ASP A 84 5.90 -7.98 6.08
CA ASP A 84 4.48 -7.62 6.00
C ASP A 84 4.07 -7.42 4.55
N ILE A 85 3.85 -8.52 3.86
CA ILE A 85 3.50 -8.45 2.45
C ILE A 85 2.60 -9.66 2.14
N MET A 86 1.70 -9.47 1.19
CA MET A 86 0.76 -10.51 0.80
C MET A 86 0.42 -10.34 -0.67
N LEU A 87 0.09 -11.47 -1.29
CA LEU A 87 -0.38 -11.50 -2.68
C LEU A 87 -1.84 -11.95 -2.73
N ILE A 88 -2.62 -11.33 -3.60
CA ILE A 88 -3.99 -11.71 -3.88
C ILE A 88 -4.09 -12.11 -5.33
N LYS A 89 -4.64 -13.30 -5.63
CA LYS A 89 -4.93 -13.68 -7.00
C LYS A 89 -6.41 -13.40 -7.23
N LEU A 90 -6.71 -12.61 -8.24
CA LEU A 90 -8.10 -12.29 -8.60
C LEU A 90 -8.84 -13.47 -9.22
N SER A 91 -10.16 -13.57 -8.94
CA SER A 91 -11.02 -14.61 -9.50
C SER A 91 -11.14 -14.57 -11.00
N SER A 92 -11.03 -13.37 -11.59
CA SER A 92 -11.04 -13.16 -13.03
C SER A 92 -9.99 -12.09 -13.25
N PRO A 93 -9.41 -12.05 -14.42
CA PRO A 93 -8.41 -11.01 -14.67
C PRO A 93 -9.01 -9.61 -14.70
N ALA A 94 -8.21 -8.66 -14.20
CA ALA A 94 -8.62 -7.28 -14.34
C ALA A 94 -8.59 -6.93 -15.81
N VAL A 95 -9.54 -6.07 -16.22
CA VAL A 95 -9.56 -5.52 -17.57
C VAL A 95 -8.71 -4.26 -17.54
N ILE A 96 -7.68 -4.22 -18.35
CA ILE A 96 -6.77 -3.11 -18.36
C ILE A 96 -7.25 -2.02 -19.30
N ASN A 97 -7.27 -0.78 -18.78
CA ASN A 97 -7.84 0.39 -19.46
C ASN A 97 -7.19 1.61 -18.80
N ALA A 98 -7.71 2.79 -19.12
CA ALA A 98 -7.14 4.02 -18.57
C ALA A 98 -7.30 4.09 -17.07
N ARG A 99 -8.30 3.44 -16.54
CA ARG A 99 -8.58 3.58 -15.13
C ARG A 99 -8.10 2.38 -14.30
N VAL A 100 -7.74 1.28 -14.90
CA VAL A 100 -7.25 0.10 -14.18
C VAL A 100 -6.01 -0.33 -14.92
N SER A 101 -4.84 -0.25 -14.29
CA SER A 101 -3.60 -0.58 -15.01
C SER A 101 -2.59 -1.00 -13.97
N THR A 102 -1.51 -1.63 -14.40
CA THR A 102 -0.57 -2.18 -13.43
C THR A 102 0.57 -1.23 -13.12
N ILE A 103 1.22 -1.51 -11.99
CA ILE A 103 2.45 -0.81 -11.58
C ILE A 103 3.62 -1.80 -11.67
N SER A 104 4.73 -1.34 -12.23
CA SER A 104 5.90 -2.15 -12.40
C SER A 104 6.49 -2.52 -11.05
N LEU A 105 7.04 -3.70 -11.00
CA LEU A 105 7.84 -4.10 -9.86
C LEU A 105 9.19 -3.38 -9.93
N PRO A 106 9.86 -3.25 -8.82
CA PRO A 106 11.13 -2.50 -8.82
C PRO A 106 12.31 -3.34 -9.28
N THR A 107 13.25 -2.67 -9.94
CA THR A 107 14.49 -3.26 -10.43
C THR A 107 15.68 -3.03 -9.54
N THR A 108 15.55 -2.16 -8.54
CA THR A 108 16.60 -1.86 -7.57
C THR A 108 15.90 -1.28 -6.34
N PRO A 109 16.53 -1.31 -5.16
CA PRO A 109 15.92 -0.66 -3.99
C PRO A 109 15.97 0.85 -4.18
N PRO A 110 15.16 1.58 -3.47
CA PRO A 110 15.19 3.03 -3.62
C PRO A 110 16.23 3.74 -2.76
N ALA A 111 16.87 4.74 -3.36
CA ALA A 111 17.85 5.52 -2.65
C ALA A 111 17.13 6.49 -1.72
N ALA A 112 17.75 6.75 -0.58
CA ALA A 112 17.32 7.81 0.32
C ALA A 112 17.23 9.10 -0.48
N GLY A 113 16.17 9.88 -0.24
CA GLY A 113 15.94 11.14 -0.91
C GLY A 113 15.04 11.04 -2.13
N THR A 114 14.83 9.83 -2.65
CA THR A 114 13.96 9.61 -3.79
C THR A 114 12.55 10.07 -3.45
N GLU A 115 11.93 10.78 -4.40
CA GLU A 115 10.57 11.27 -4.22
C GLU A 115 9.60 10.18 -4.59
N CYS A 116 8.64 9.93 -3.67
CA CYS A 116 7.68 8.89 -3.88
C CYS A 116 6.26 9.41 -3.73
N LEU A 117 5.33 8.57 -4.15
CA LEU A 117 3.90 8.87 -4.08
C LEU A 117 3.19 7.80 -3.27
N ILE A 118 2.57 8.19 -2.15
CA ILE A 118 1.84 7.28 -1.28
C ILE A 118 0.35 7.62 -1.41
N SER A 119 -0.52 6.62 -1.39
CA SER A 119 -1.93 6.90 -1.64
C SER A 119 -2.85 5.95 -0.87
N GLY A 120 -4.06 6.45 -0.63
CA GLY A 120 -5.05 5.60 0.02
C GLY A 120 -6.25 6.38 0.53
N TRP A 121 -7.18 5.59 1.10
CA TRP A 121 -8.40 6.11 1.67
C TRP A 121 -8.40 6.09 3.20
N GLY A 122 -7.24 6.13 3.81
CA GLY A 122 -7.17 6.12 5.27
C GLY A 122 -7.48 7.49 5.88
N ASN A 123 -7.39 7.52 7.21
CA ASN A 123 -7.73 8.71 7.98
C ASN A 123 -6.88 9.86 7.49
N THR A 124 -7.48 11.04 7.42
CA THR A 124 -6.79 12.22 6.94
C THR A 124 -6.45 13.23 8.01
N LEU A 125 -6.73 12.91 9.30
CA LEU A 125 -6.48 13.78 10.44
C LEU A 125 -5.50 13.21 11.45
N SER A 126 -4.67 14.09 12.01
CA SER A 126 -3.76 13.76 13.08
C SER A 126 -4.46 13.81 14.43
N PHE A 127 -5.58 14.53 14.51
N PHE A 127 -5.56 14.58 14.51
CA PHE A 127 -6.34 14.73 15.74
CA PHE A 127 -6.37 14.78 15.72
C PHE A 127 -7.77 14.38 15.37
C PHE A 127 -7.76 14.34 15.30
N GLY A 128 -8.26 13.26 15.89
CA GLY A 128 -9.59 12.80 15.53
C GLY A 128 -9.46 11.96 14.26
N ALA A 129 -10.56 11.86 13.53
CA ALA A 129 -10.61 10.99 12.37
C ALA A 129 -11.61 11.47 11.33
N ASP A 130 -11.19 11.38 10.07
CA ASP A 130 -12.03 11.62 8.90
C ASP A 130 -11.55 10.65 7.87
N TYR A 131 -12.47 9.85 7.33
CA TYR A 131 -12.10 8.85 6.35
C TYR A 131 -12.70 9.39 5.10
N PRO A 132 -11.91 9.51 4.06
CA PRO A 132 -12.41 10.16 2.85
C PRO A 132 -13.12 9.25 1.88
N ASP A 133 -13.94 9.92 1.10
CA ASP A 133 -14.63 9.22 -0.01
C ASP A 133 -13.71 9.11 -1.18
N GLU A 134 -12.94 10.15 -1.46
CA GLU A 134 -12.09 10.15 -2.64
C GLU A 134 -10.64 9.87 -2.28
N LEU A 135 -9.93 9.23 -3.21
CA LEU A 135 -8.55 8.82 -2.99
C LEU A 135 -7.62 9.99 -2.69
N LYS A 136 -6.77 9.82 -1.68
CA LYS A 136 -5.78 10.83 -1.30
C LYS A 136 -4.37 10.39 -1.67
N CYS A 137 -3.54 11.42 -1.89
CA CYS A 137 -2.16 11.30 -2.38
C CYS A 137 -1.22 12.13 -1.54
N LEU A 138 0.03 11.68 -1.51
CA LEU A 138 1.07 12.37 -0.75
C LEU A 138 2.40 12.16 -1.42
N ASP A 139 3.14 13.24 -1.65
CA ASP A 139 4.50 13.15 -2.15
C ASP A 139 5.46 13.27 -0.98
N ALA A 140 6.35 12.30 -0.88
CA ALA A 140 7.27 12.26 0.26
C ALA A 140 8.59 11.58 -0.11
N PRO A 141 9.71 11.90 0.56
CA PRO A 141 10.99 11.27 0.15
C PRO A 141 11.30 10.07 1.02
N VAL A 142 12.06 9.14 0.47
CA VAL A 142 12.60 8.02 1.21
C VAL A 142 13.58 8.54 2.26
N LEU A 143 13.46 8.06 3.47
CA LEU A 143 14.37 8.52 4.50
C LEU A 143 15.62 7.66 4.59
N THR A 144 16.68 8.20 5.24
CA THR A 144 17.84 7.34 5.35
C THR A 144 17.51 6.22 6.35
N GLN A 145 18.22 5.10 6.23
CA GLN A 145 17.96 4.00 7.15
C GLN A 145 18.26 4.40 8.58
N ALA A 146 19.30 5.24 8.78
CA ALA A 146 19.57 5.68 10.16
C ALA A 146 18.42 6.50 10.76
N GLU A 147 17.78 7.36 9.97
CA GLU A 147 16.63 8.09 10.47
C GLU A 147 15.49 7.14 10.80
N CYS A 148 15.29 6.13 9.96
CA CYS A 148 14.24 5.15 10.18
C CYS A 148 14.49 4.39 11.48
N LYS A 149 15.72 3.89 11.65
CA LYS A 149 16.07 3.16 12.87
C LYS A 149 16.03 4.02 14.11
N ALA A 150 16.40 5.28 13.99
CA ALA A 150 16.34 6.15 15.15
C ALA A 150 14.91 6.48 15.57
N SER A 151 13.96 6.44 14.65
CA SER A 151 12.57 6.69 14.96
C SER A 151 11.96 5.53 15.74
N TYR A 152 12.40 4.31 15.45
CA TYR A 152 11.87 3.08 16.03
C TYR A 152 13.01 2.14 16.46
N PRO A 153 13.73 2.47 17.53
CA PRO A 153 14.91 1.66 17.87
C PRO A 153 14.60 0.20 18.14
N GLY A 154 15.39 -0.66 17.54
CA GLY A 154 15.21 -2.07 17.71
C GLY A 154 14.07 -2.66 16.90
N LYS A 155 13.37 -1.85 16.11
CA LYS A 155 12.19 -2.38 15.43
C LYS A 155 12.27 -2.42 13.91
N ILE A 156 13.28 -1.84 13.29
CA ILE A 156 13.38 -1.79 11.83
C ILE A 156 14.23 -2.97 11.39
N THR A 157 13.58 -3.91 10.73
CA THR A 157 14.18 -5.12 10.19
C THR A 157 14.69 -4.87 8.78
N ASN A 158 15.31 -5.90 8.24
CA ASN A 158 15.76 -5.79 6.88
C ASN A 158 14.59 -5.74 5.90
N SER A 159 13.35 -6.01 6.29
CA SER A 159 12.34 -5.89 5.25
C SER A 159 11.71 -4.51 5.12
N MET A 160 12.16 -3.52 5.89
CA MET A 160 11.48 -2.25 6.05
C MET A 160 12.24 -1.00 5.64
N PHE A 161 11.51 0.03 5.22
CA PHE A 161 12.09 1.36 5.03
C PHE A 161 11.06 2.42 5.41
N CYS A 162 11.53 3.63 5.59
CA CYS A 162 10.70 4.74 5.99
C CYS A 162 10.61 5.78 4.90
N VAL A 163 9.45 6.41 4.86
CA VAL A 163 9.17 7.47 3.87
C VAL A 163 8.42 8.52 4.62
N GLY A 164 8.79 9.80 4.42
CA GLY A 164 8.08 10.82 5.12
C GLY A 164 8.98 11.93 5.57
N PHE A 165 8.57 12.51 6.71
CA PHE A 165 9.13 13.72 7.29
C PHE A 165 9.32 13.54 8.78
N LEU A 166 10.56 13.61 9.30
CA LEU A 166 10.74 13.45 10.73
C LEU A 166 10.04 14.55 11.50
N GLU A 167 9.81 15.71 10.89
CA GLU A 167 9.08 16.84 11.45
C GLU A 167 7.58 16.59 11.55
N GLY A 168 7.07 15.55 10.92
CA GLY A 168 5.66 15.35 10.92
C GLY A 168 4.98 16.16 9.83
N GLY A 169 3.66 16.17 9.90
CA GLY A 169 2.76 16.95 9.07
C GLY A 169 2.19 16.23 7.86
N LYS A 170 2.92 15.25 7.30
CA LYS A 170 2.46 14.51 6.11
C LYS A 170 2.82 13.05 6.35
N ASP A 171 1.87 12.13 6.19
CA ASP A 171 2.16 10.72 6.54
C ASP A 171 0.95 9.86 6.13
N SER A 172 1.15 8.55 6.16
CA SER A 172 0.06 7.62 6.07
C SER A 172 -0.61 7.53 7.45
N CYS A 173 -1.75 6.86 7.49
CA CYS A 173 -2.56 6.77 8.71
C CYS A 173 -3.45 5.54 8.59
N GLN A 174 -4.30 5.31 9.60
CA GLN A 174 -5.12 4.11 9.62
C GLN A 174 -5.93 3.91 8.36
N ARG A 175 -5.94 2.68 7.86
CA ARG A 175 -6.64 2.24 6.63
C ARG A 175 -5.98 2.60 5.34
N ASP A 176 -4.83 3.21 5.38
CA ASP A 176 -3.94 3.24 4.21
C ASP A 176 -3.10 1.97 4.06
N ALA A 177 -2.99 1.15 5.09
CA ALA A 177 -2.22 -0.06 5.09
C ALA A 177 -2.48 -0.89 3.86
N GLY A 178 -1.43 -1.52 3.39
CA GLY A 178 -1.55 -2.33 2.19
C GLY A 178 -1.33 -1.58 0.93
N GLY A 179 -1.45 -0.27 0.93
CA GLY A 179 -1.36 0.50 -0.31
C GLY A 179 0.03 0.75 -0.79
N PRO A 180 0.08 1.44 -1.94
CA PRO A 180 1.35 1.61 -2.66
C PRO A 180 2.18 2.79 -2.22
N VAL A 181 3.51 2.59 -2.32
CA VAL A 181 4.52 3.64 -2.34
C VAL A 181 5.19 3.49 -3.67
N VAL A 182 5.03 4.47 -4.58
CA VAL A 182 5.57 4.38 -5.94
C VAL A 182 6.65 5.45 -6.09
N CYS A 183 7.81 5.04 -6.59
CA CYS A 183 8.93 5.95 -6.78
C CYS A 183 9.48 5.73 -8.18
N ASN A 184 9.61 6.78 -8.97
CA ASN A 184 10.15 6.70 -10.36
C ASN A 184 9.52 5.55 -11.14
N GLY A 185 8.18 5.48 -11.06
CA GLY A 185 7.44 4.52 -11.87
C GLY A 185 7.49 3.08 -11.39
N GLN A 186 7.96 2.82 -10.17
CA GLN A 186 8.06 1.46 -9.65
C GLN A 186 7.46 1.35 -8.25
N LEU A 187 6.84 0.20 -8.00
CA LEU A 187 6.30 -0.07 -6.66
C LEU A 187 7.44 -0.41 -5.71
N GLN A 188 7.82 0.51 -4.82
CA GLN A 188 8.93 0.25 -3.91
C GLN A 188 8.45 -0.16 -2.56
N GLY A 189 7.27 0.23 -2.20
CA GLY A 189 6.79 -0.06 -0.85
C GLY A 189 5.33 -0.43 -0.76
N VAL A 190 5.03 -1.09 0.35
CA VAL A 190 3.68 -1.40 0.81
C VAL A 190 3.46 -0.72 2.16
N VAL A 191 2.38 0.04 2.31
CA VAL A 191 2.10 0.66 3.61
C VAL A 191 2.00 -0.45 4.64
N SER A 192 2.82 -0.39 5.71
CA SER A 192 2.89 -1.44 6.73
C SER A 192 2.54 -0.85 8.08
N TRP A 193 3.41 -0.03 8.69
N TRP A 193 3.39 0.01 8.63
CA TRP A 193 3.04 0.60 9.96
CA TRP A 193 3.15 0.71 9.89
C TRP A 193 2.58 1.99 9.48
C TRP A 193 2.58 2.05 9.43
N GLY A 194 1.25 2.18 9.49
CA GLY A 194 0.57 3.38 9.07
C GLY A 194 -0.20 3.95 10.24
N HIS A 195 0.39 3.91 11.46
CA HIS A 195 -0.17 4.57 12.63
C HIS A 195 0.51 5.86 13.02
N GLY A 196 1.53 6.29 12.28
CA GLY A 196 2.27 7.47 12.72
C GLY A 196 1.35 8.68 12.60
N CYS A 197 0.53 8.70 11.55
CA CYS A 197 -0.43 9.78 11.36
C CYS A 197 0.11 11.19 11.53
N ALA A 198 1.27 11.41 10.96
CA ALA A 198 1.92 12.71 10.85
C ALA A 198 2.38 13.33 12.14
N TRP A 199 2.63 12.53 13.14
CA TRP A 199 3.19 13.06 14.39
C TRP A 199 4.70 13.09 14.22
N LYS A 200 5.32 14.03 14.89
CA LYS A 200 6.78 14.17 14.88
C LYS A 200 7.51 12.89 15.27
N ASN A 201 8.57 12.59 14.51
CA ASN A 201 9.44 11.44 14.74
C ASN A 201 8.71 10.09 14.62
N ARG A 202 7.59 10.03 13.94
CA ARG A 202 6.86 8.78 13.77
C ARG A 202 6.48 8.63 12.31
N PRO A 203 7.47 8.56 11.41
CA PRO A 203 7.14 8.40 9.99
C PRO A 203 6.59 7.02 9.74
N GLY A 204 5.99 6.87 8.58
CA GLY A 204 5.51 5.58 8.18
C GLY A 204 6.64 4.63 7.84
N VAL A 205 6.34 3.34 8.12
CA VAL A 205 7.26 2.23 7.82
C VAL A 205 6.58 1.41 6.72
N TYR A 206 7.36 1.00 5.71
CA TYR A 206 6.87 0.37 4.50
C TYR A 206 7.68 -0.88 4.23
N THR A 207 7.03 -1.87 3.65
CA THR A 207 7.74 -3.09 3.29
C THR A 207 8.53 -2.85 2.01
N LYS A 208 9.80 -3.24 1.99
N LYS A 208 9.80 -3.25 2.01
CA LYS A 208 10.71 -3.07 0.85
CA LYS A 208 10.73 -3.13 0.86
C LYS A 208 10.40 -4.14 -0.21
C LYS A 208 10.35 -4.17 -0.17
N VAL A 209 9.55 -3.77 -1.17
CA VAL A 209 9.07 -4.71 -2.17
C VAL A 209 10.22 -5.34 -2.94
N TYR A 210 11.28 -4.59 -3.20
CA TYR A 210 12.41 -5.15 -3.96
C TYR A 210 12.91 -6.45 -3.33
N ASN A 211 12.89 -6.52 -1.96
CA ASN A 211 13.41 -7.71 -1.30
C ASN A 211 12.56 -8.95 -1.54
N TYR A 212 11.37 -8.79 -2.13
CA TYR A 212 10.39 -9.85 -2.33
C TYR A 212 10.11 -10.14 -3.79
N VAL A 213 10.86 -9.52 -4.71
CA VAL A 213 10.54 -9.77 -6.11
C VAL A 213 10.61 -11.25 -6.47
N ASP A 214 11.66 -11.96 -6.02
CA ASP A 214 11.73 -13.37 -6.33
C ASP A 214 10.58 -14.16 -5.73
N TRP A 215 10.18 -13.84 -4.47
CA TRP A 215 9.02 -14.52 -3.88
C TRP A 215 7.74 -14.23 -4.65
N ILE A 216 7.55 -12.99 -5.06
CA ILE A 216 6.38 -12.65 -5.84
C ILE A 216 6.32 -13.47 -7.11
N LYS A 217 7.39 -13.44 -7.89
CA LYS A 217 7.46 -14.19 -9.13
C LYS A 217 7.16 -15.65 -8.87
N ASP A 218 7.84 -16.24 -7.87
CA ASP A 218 7.69 -17.66 -7.62
C ASP A 218 6.22 -17.99 -7.25
N THR A 219 5.62 -17.11 -6.46
CA THR A 219 4.25 -17.35 -6.03
C THR A 219 3.28 -17.24 -7.18
N ILE A 220 3.50 -16.29 -8.08
CA ILE A 220 2.64 -16.19 -9.24
C ILE A 220 2.75 -17.48 -10.04
N ALA A 221 3.98 -17.88 -10.34
CA ALA A 221 4.20 -19.09 -11.11
C ALA A 221 3.57 -20.32 -10.46
N ALA A 222 3.63 -20.38 -9.12
CA ALA A 222 3.13 -21.58 -8.48
C ALA A 222 1.65 -21.65 -8.47
N ASN A 223 1.00 -20.51 -8.66
CA ASN A 223 -0.45 -20.47 -8.58
C ASN A 223 -1.07 -20.06 -9.89
N SER A 224 -0.37 -20.34 -10.98
CA SER A 224 -0.86 -20.05 -12.32
C SER A 224 -1.07 -21.30 -13.13
S SO4 B . -3.98 -0.26 9.88
O1 SO4 B . -4.38 -0.19 11.31
O2 SO4 B . -4.98 0.39 9.03
O3 SO4 B . -2.71 0.46 9.73
O4 SO4 B . -3.86 -1.66 9.57
S SO4 C . -13.57 13.59 0.69
O1 SO4 C . -14.45 14.59 0.08
O2 SO4 C . -12.83 12.80 -0.29
O3 SO4 C . -12.57 14.31 1.51
O4 SO4 C . -14.38 12.73 1.55
CA CA D . -16.73 4.33 -6.89
C ACT E . 19.05 -0.10 16.11
O ACT E . 19.60 -1.02 16.75
OXT ACT E . 17.92 -0.08 15.72
CH3 ACT E . 19.88 1.17 15.71
H1 ACT E . 20.77 1.11 16.06
H2 ACT E . 19.45 1.97 16.07
H3 ACT E . 19.92 1.24 14.74
C1 GOL F . 16.08 2.48 2.36
O1 GOL F . 15.96 1.28 3.00
C2 GOL F . 17.52 2.83 2.68
O2 GOL F . 18.38 1.86 2.14
C3 GOL F . 17.71 4.19 2.12
O3 GOL F . 19.09 4.32 1.98
H11 GOL F . 15.48 3.16 2.70
H12 GOL F . 15.94 2.43 1.41
H2 GOL F . 17.71 2.86 3.64
HO2 GOL F . 17.92 1.18 1.98
H31 GOL F . 17.31 4.84 2.71
H32 GOL F . 17.22 4.27 1.29
HO3 GOL F . 19.45 3.66 2.39
#